data_8XW4
#
_entry.id   8XW4
#
_cell.length_a   1.00
_cell.length_b   1.00
_cell.length_c   1.00
_cell.angle_alpha   90.00
_cell.angle_beta   90.00
_cell.angle_gamma   90.00
#
_symmetry.space_group_name_H-M   'P 1'
#
_entity_poly.entity_id   1
_entity_poly.type   'polypeptide(L)'
_entity_poly.pdbx_seq_one_letter_code
;MLPFLLATLGTTALNNSNPKDYCYSARIRSTVLQGLPFGGVPTVLALDFMCFLALLFLFSILRKVAWDYGRLALVTDADR
LRRQERDRVEQEYVASAMHGDSHDRYERLTSVSSSVDFDQRDNGFCSWLTAIFRIKDDEIRDKCGGDAVHYLSFQRHIIG
LLVVVGVLSVGIVLPVNFSGDLLENNAYSFGRTTIANLKSGNNLLWLHTSFAFLYLLLTVYSMRRHTSKMRYKEDDLVKR
TLFINGISKYAESEKIKKHFEEAYPNCTVLEARPCYNVARLMFLDAERKKAERGKLYFTNLQSKENVPTMINPKPCGHLC
CCVVRGCEQVEAIEYYTKLEQKLKEDYKREKEKVNEKPLGMAFVTFHNETITAIILKDFNVCKCQGCTCRGEPRPSSCSE
SLHISNWTVSYAPDPQNIYWEHLSIRGFIWWLRCLVINVVLFILLFFLTTPAIIITTMDKFNVTKPVEYLNNPIITQFFP
TLLLWCFSALLPTIVYYSAFFEAHWTRSGENRTTMHKCYTFLIFMVLLLPSLGLSSLDLFFRWLFDKKFLAEAAIRFECV
FLPDNGAFFVNYVIASAFIGNAMDLLRIPGLLMYMIRLCLARSAAERRNVKRHQAYEFQFGAAYAWMMCVFTVVMTYSIT
CPIIVPFGLMYMLLKHLVDRYNLYYAYLPAKLDKKIHSGAVNQVVAAPILCLFWLLFFSTMRTGFLAPTSMFTFVVLVIT
IVICLCHVCFGHFKYLSAHNYKIEHTETDTVDPRSNGRPPTAAAVPKSAKYIAQVLQDSEVDGDGDGAPGSSGDEPPSSS
SQDEELLMPPDALTDTDFQSCEDSLIENEIHQSNSWSHPQFEKL
;
_entity_poly.pdbx_strand_id   A
#
# COMPACT_ATOMS: atom_id res chain seq x y z
N ARG A 29 25.66 33.68 -9.00
CA ARG A 29 26.49 32.56 -8.58
C ARG A 29 27.64 32.37 -9.58
N SER A 30 27.53 33.05 -10.72
CA SER A 30 28.55 33.20 -11.75
C SER A 30 28.85 31.93 -12.55
N THR A 31 28.25 30.79 -12.20
CA THR A 31 28.41 29.55 -12.95
C THR A 31 27.05 28.87 -13.04
N VAL A 32 27.06 27.60 -13.47
CA VAL A 32 25.83 26.82 -13.49
C VAL A 32 25.31 26.63 -12.07
N LEU A 33 24.01 26.38 -11.96
CA LEU A 33 23.34 26.44 -10.66
C LEU A 33 23.92 25.41 -9.71
N GLN A 34 24.17 25.83 -8.48
CA GLN A 34 24.82 25.01 -7.46
C GLN A 34 23.86 24.72 -6.32
N GLY A 35 24.20 23.69 -5.56
CA GLY A 35 23.44 23.34 -4.36
C GLY A 35 24.35 22.96 -3.22
N LEU A 36 24.00 21.89 -2.51
CA LEU A 36 24.83 21.41 -1.43
C LEU A 36 26.12 20.79 -1.98
N PRO A 37 27.19 20.79 -1.19
CA PRO A 37 28.38 20.04 -1.58
C PRO A 37 28.14 18.55 -1.35
N PHE A 38 28.44 17.74 -2.37
CA PHE A 38 28.23 16.30 -2.39
C PHE A 38 26.77 15.91 -2.38
N GLY A 39 25.85 16.86 -2.38
CA GLY A 39 24.44 16.54 -2.25
C GLY A 39 23.97 16.34 -0.82
N GLY A 40 24.81 16.60 0.16
CA GLY A 40 24.40 16.44 1.54
C GLY A 40 24.18 15.01 1.96
N VAL A 41 24.76 14.04 1.24
CA VAL A 41 24.60 12.63 1.56
C VAL A 41 25.47 12.22 2.74
N PRO A 42 26.76 12.56 2.78
CA PRO A 42 27.60 12.06 3.89
C PRO A 42 27.10 12.42 5.27
N THR A 43 26.62 13.66 5.45
CA THR A 43 26.19 14.07 6.78
C THR A 43 24.99 13.27 7.25
N VAL A 44 23.97 13.15 6.40
CA VAL A 44 22.78 12.41 6.78
C VAL A 44 23.10 10.93 6.94
N LEU A 45 24.00 10.39 6.12
CA LEU A 45 24.37 8.98 6.25
C LEU A 45 25.05 8.72 7.58
N ALA A 46 26.02 9.56 7.95
CA ALA A 46 26.71 9.36 9.23
C ALA A 46 25.76 9.53 10.41
N LEU A 47 24.90 10.54 10.34
CA LEU A 47 23.99 10.76 11.47
C LEU A 47 22.97 9.63 11.57
N ASP A 48 22.46 9.14 10.44
CA ASP A 48 21.56 8.00 10.48
C ASP A 48 22.26 6.75 11.00
N PHE A 49 23.53 6.55 10.63
CA PHE A 49 24.24 5.41 11.16
C PHE A 49 24.36 5.50 12.68
N MET A 50 24.68 6.70 13.18
CA MET A 50 24.77 6.88 14.63
C MET A 50 23.42 6.62 15.30
N CYS A 51 22.34 7.14 14.72
CA CYS A 51 21.02 6.95 15.33
C CYS A 51 20.57 5.49 15.23
N PHE A 52 20.96 4.81 14.16
CA PHE A 52 20.65 3.40 13.98
C PHE A 52 21.34 2.57 15.06
N LEU A 53 22.62 2.86 15.32
CA LEU A 53 23.30 2.19 16.41
C LEU A 53 22.69 2.53 17.76
N ALA A 54 22.24 3.77 17.95
CA ALA A 54 21.59 4.13 19.20
C ALA A 54 20.30 3.34 19.40
N LEU A 55 19.52 3.19 18.33
CA LEU A 55 18.27 2.44 18.44
C LEU A 55 18.55 0.96 18.67
N LEU A 56 19.62 0.43 18.07
CA LEU A 56 20.02 -0.94 18.39
C LEU A 56 20.40 -1.06 19.86
N PHE A 57 21.10 -0.06 20.40
CA PHE A 57 21.45 -0.08 21.82
C PHE A 57 20.21 -0.12 22.68
N LEU A 58 19.23 0.74 22.37
CA LEU A 58 18.00 0.77 23.16
C LEU A 58 17.26 -0.56 23.06
N PHE A 59 17.17 -1.13 21.86
CA PHE A 59 16.50 -2.41 21.71
C PHE A 59 17.21 -3.50 22.48
N SER A 60 18.54 -3.48 22.48
CA SER A 60 19.31 -4.48 23.23
C SER A 60 19.03 -4.34 24.73
N ILE A 61 18.94 -3.10 25.21
CA ILE A 61 18.63 -2.89 26.63
C ILE A 61 17.26 -3.47 26.95
N LEU A 62 16.26 -3.18 26.11
CA LEU A 62 14.92 -3.69 26.39
C LEU A 62 14.85 -5.21 26.28
N ARG A 63 15.56 -5.79 25.31
CA ARG A 63 15.57 -7.25 25.18
C ARG A 63 16.25 -7.90 26.38
N LYS A 64 17.35 -7.33 26.86
CA LYS A 64 17.97 -7.84 28.07
C LYS A 64 17.05 -7.71 29.27
N VAL A 65 16.26 -6.64 29.32
CA VAL A 65 15.26 -6.50 30.37
C VAL A 65 14.23 -7.62 30.27
N ALA A 66 13.76 -7.91 29.07
CA ALA A 66 12.81 -9.01 28.88
C ALA A 66 13.51 -10.36 29.04
N TRP A 67 14.60 -10.58 28.31
CA TRP A 67 15.34 -11.83 28.38
C TRP A 67 16.71 -11.69 27.73
N ALA A 131 26.85 -8.38 15.78
CA ALA A 131 26.12 -8.24 14.51
C ALA A 131 24.69 -8.75 14.65
N ILE A 132 24.50 -10.04 14.41
CA ILE A 132 23.21 -10.70 14.55
C ILE A 132 23.32 -11.75 15.65
N PHE A 133 22.27 -11.83 16.47
CA PHE A 133 22.23 -12.78 17.56
C PHE A 133 22.21 -14.22 17.05
N ARG A 134 21.47 -14.49 15.98
CA ARG A 134 21.45 -15.81 15.35
C ARG A 134 20.71 -15.71 14.03
N ILE A 135 20.97 -16.69 13.16
CA ILE A 135 20.25 -16.86 11.90
C ILE A 135 20.01 -18.34 11.67
N LYS A 136 18.79 -18.71 11.26
CA LYS A 136 18.43 -20.10 11.04
C LYS A 136 17.66 -20.22 9.72
N ASP A 137 17.69 -21.41 9.13
CA ASP A 137 17.04 -21.63 7.84
C ASP A 137 15.91 -22.65 7.92
N ASP A 138 16.21 -23.88 8.33
CA ASP A 138 15.19 -24.91 8.32
C ASP A 138 14.19 -24.73 9.45
N GLU A 139 14.60 -24.13 10.56
CA GLU A 139 13.67 -23.86 11.65
C GLU A 139 12.56 -22.94 11.19
N ILE A 140 12.90 -21.89 10.45
CA ILE A 140 11.89 -20.97 9.94
C ILE A 140 11.17 -21.63 8.77
N ARG A 141 11.85 -22.56 8.09
CA ARG A 141 11.19 -23.30 7.02
C ARG A 141 9.99 -24.08 7.55
N ASP A 142 10.19 -24.77 8.68
CA ASP A 142 9.16 -25.67 9.17
C ASP A 142 8.17 -24.95 10.10
N LYS A 143 8.69 -24.16 11.04
CA LYS A 143 7.87 -23.70 12.16
C LYS A 143 6.75 -22.76 11.72
N CYS A 144 7.08 -21.70 10.97
CA CYS A 144 6.12 -20.62 10.76
C CYS A 144 5.26 -20.78 9.51
N GLY A 145 5.52 -21.77 8.68
CA GLY A 145 4.52 -22.14 7.71
C GLY A 145 4.89 -21.74 6.29
N GLY A 146 4.17 -22.34 5.34
CA GLY A 146 4.42 -22.09 3.94
C GLY A 146 4.22 -20.66 3.55
N ASP A 147 3.30 -19.95 4.21
CA ASP A 147 3.09 -18.55 3.88
C ASP A 147 4.34 -17.72 4.17
N ALA A 148 4.91 -17.88 5.37
CA ALA A 148 6.12 -17.16 5.71
C ALA A 148 7.27 -17.57 4.81
N VAL A 149 7.38 -18.86 4.51
CA VAL A 149 8.44 -19.30 3.59
C VAL A 149 8.26 -18.64 2.23
N HIS A 150 7.02 -18.52 1.77
CA HIS A 150 6.75 -17.91 0.49
C HIS A 150 7.14 -16.43 0.49
N TYR A 151 6.81 -15.73 1.58
CA TYR A 151 7.14 -14.32 1.67
C TYR A 151 8.64 -14.08 1.70
N LEU A 152 9.37 -14.88 2.48
CA LEU A 152 10.82 -14.73 2.49
C LEU A 152 11.43 -15.13 1.16
N SER A 153 10.85 -16.09 0.45
CA SER A 153 11.32 -16.38 -0.90
C SER A 153 11.12 -15.18 -1.80
N PHE A 154 9.98 -14.50 -1.68
CA PHE A 154 9.77 -13.25 -2.41
C PHE A 154 10.90 -12.27 -2.16
N GLN A 155 11.19 -12.00 -0.89
CA GLN A 155 12.18 -10.94 -0.65
C GLN A 155 13.59 -11.40 -1.00
N ARG A 156 13.88 -12.69 -0.92
CA ARG A 156 15.17 -13.19 -1.41
C ARG A 156 15.30 -12.92 -2.90
N HIS A 157 14.25 -13.24 -3.66
CA HIS A 157 14.32 -12.98 -5.09
C HIS A 157 14.47 -11.50 -5.38
N ILE A 158 13.84 -10.65 -4.59
CA ILE A 158 13.99 -9.23 -4.88
C ILE A 158 15.39 -8.72 -4.51
N ILE A 159 16.03 -9.30 -3.49
CA ILE A 159 17.41 -8.93 -3.21
C ILE A 159 18.33 -9.38 -4.34
N GLY A 160 18.10 -10.57 -4.88
CA GLY A 160 18.86 -10.98 -6.04
C GLY A 160 18.68 -10.02 -7.20
N LEU A 161 17.43 -9.59 -7.42
CA LEU A 161 17.15 -8.62 -8.46
C LEU A 161 17.92 -7.32 -8.22
N LEU A 162 17.94 -6.84 -6.97
CA LEU A 162 18.64 -5.58 -6.72
C LEU A 162 20.15 -5.75 -6.76
N VAL A 163 20.69 -6.93 -6.47
CA VAL A 163 22.14 -7.10 -6.64
C VAL A 163 22.51 -7.02 -8.11
N VAL A 164 21.76 -7.72 -8.97
CA VAL A 164 22.04 -7.60 -10.41
C VAL A 164 21.87 -6.16 -10.86
N VAL A 165 20.81 -5.50 -10.38
CA VAL A 165 20.56 -4.10 -10.73
C VAL A 165 21.74 -3.23 -10.30
N GLY A 166 22.21 -3.42 -9.07
CA GLY A 166 23.26 -2.55 -8.54
C GLY A 166 24.56 -2.72 -9.28
N VAL A 167 24.96 -3.97 -9.53
CA VAL A 167 26.17 -4.18 -10.32
C VAL A 167 26.03 -3.54 -11.67
N LEU A 168 24.93 -3.79 -12.37
CA LEU A 168 24.78 -3.26 -13.73
C LEU A 168 24.82 -1.74 -13.72
N SER A 169 24.08 -1.11 -12.80
CA SER A 169 24.00 0.35 -12.78
C SER A 169 25.32 0.97 -12.38
N VAL A 170 25.80 0.67 -11.17
CA VAL A 170 27.00 1.32 -10.65
C VAL A 170 28.21 0.89 -11.46
N GLY A 171 28.04 -0.07 -12.37
CA GLY A 171 29.12 -0.44 -13.24
C GLY A 171 29.11 0.28 -14.58
N ILE A 172 27.95 0.40 -15.21
CA ILE A 172 27.92 1.00 -16.53
C ILE A 172 27.41 2.43 -16.48
N VAL A 173 26.25 2.64 -15.87
CA VAL A 173 25.60 3.95 -15.97
C VAL A 173 26.39 5.00 -15.22
N LEU A 174 26.84 4.69 -13.99
CA LEU A 174 27.56 5.68 -13.21
C LEU A 174 28.79 6.21 -13.93
N PRO A 175 29.67 5.37 -14.49
CA PRO A 175 30.74 5.94 -15.33
C PRO A 175 30.21 6.70 -16.54
N VAL A 176 29.12 6.23 -17.13
CA VAL A 176 28.57 6.91 -18.30
C VAL A 176 28.07 8.29 -17.91
N ASN A 177 27.31 8.37 -16.82
CA ASN A 177 26.81 9.66 -16.38
C ASN A 177 27.92 10.57 -15.90
N PHE A 178 28.97 10.01 -15.30
CA PHE A 178 30.08 10.82 -14.83
C PHE A 178 30.99 11.25 -15.98
N SER A 179 30.89 10.59 -17.14
CA SER A 179 31.76 10.92 -18.25
C SER A 179 31.36 12.23 -18.92
N GLY A 180 30.07 12.55 -18.93
CA GLY A 180 29.61 13.77 -19.55
C GLY A 180 30.18 14.99 -18.86
N ASP A 181 30.14 16.12 -19.56
CA ASP A 181 30.78 17.34 -19.06
C ASP A 181 29.89 18.56 -19.25
N LEU A 182 28.57 18.40 -19.10
CA LEU A 182 27.71 19.56 -19.10
C LEU A 182 27.95 20.41 -17.86
N LEU A 183 27.97 19.79 -16.69
CA LEU A 183 28.33 20.49 -15.47
C LEU A 183 29.81 20.84 -15.51
N GLU A 184 30.12 22.13 -15.58
CA GLU A 184 31.51 22.58 -15.46
C GLU A 184 32.06 22.09 -14.13
N ASN A 185 33.04 21.20 -14.21
CA ASN A 185 33.33 20.29 -13.12
C ASN A 185 33.73 21.01 -11.84
N ASN A 186 33.16 20.56 -10.74
CA ASN A 186 33.48 21.00 -9.38
C ASN A 186 33.91 19.85 -8.50
N ALA A 187 33.32 18.67 -8.69
CA ALA A 187 33.70 17.41 -8.05
C ALA A 187 33.33 17.39 -6.58
N TYR A 188 32.96 18.53 -6.02
CA TYR A 188 32.29 18.58 -4.71
C TYR A 188 30.79 18.75 -4.88
N SER A 189 30.15 17.87 -5.64
CA SER A 189 28.75 18.06 -5.96
C SER A 189 28.14 16.73 -6.38
N PHE A 190 26.88 16.53 -5.97
CA PHE A 190 26.17 15.30 -6.31
C PHE A 190 25.86 15.22 -7.79
N GLY A 191 25.64 16.36 -8.45
CA GLY A 191 25.09 16.34 -9.80
C GLY A 191 25.98 15.68 -10.82
N ARG A 192 27.26 15.47 -10.49
CA ARG A 192 28.15 14.82 -11.44
C ARG A 192 27.70 13.41 -11.75
N THR A 193 27.22 12.68 -10.73
CA THR A 193 26.83 11.29 -10.90
C THR A 193 25.49 11.13 -11.60
N THR A 194 24.64 12.15 -11.57
CA THR A 194 23.24 12.00 -11.95
C THR A 194 23.09 11.98 -13.47
N ILE A 195 21.85 12.09 -13.94
CA ILE A 195 21.60 12.27 -15.35
C ILE A 195 21.69 13.73 -15.76
N ALA A 196 21.61 14.66 -14.80
CA ALA A 196 21.73 16.07 -15.15
C ALA A 196 23.09 16.40 -15.74
N ASN A 197 24.11 15.64 -15.39
CA ASN A 197 25.45 15.84 -15.94
C ASN A 197 25.54 15.09 -17.26
N LEU A 198 24.80 15.58 -18.26
CA LEU A 198 24.80 14.98 -19.59
C LEU A 198 24.16 15.94 -20.56
N LYS A 199 24.91 16.34 -21.57
CA LYS A 199 24.44 17.37 -22.50
C LYS A 199 23.30 16.83 -23.35
N SER A 200 22.31 17.67 -23.59
CA SER A 200 21.24 17.33 -24.51
C SER A 200 21.81 17.15 -25.92
N GLY A 201 21.27 16.16 -26.63
CA GLY A 201 21.76 15.81 -27.94
C GLY A 201 22.79 14.69 -27.94
N ASN A 202 23.41 14.41 -26.79
CA ASN A 202 24.28 13.26 -26.68
C ASN A 202 23.47 11.98 -26.85
N ASN A 203 24.11 10.96 -27.41
CA ASN A 203 23.40 9.73 -27.75
C ASN A 203 23.31 8.75 -26.60
N LEU A 204 23.94 9.04 -25.46
CA LEU A 204 23.90 8.10 -24.33
C LEU A 204 22.53 8.02 -23.68
N LEU A 205 21.63 8.96 -23.97
CA LEU A 205 20.25 8.81 -23.54
C LEU A 205 19.64 7.55 -24.12
N TRP A 206 20.07 7.16 -25.32
CA TRP A 206 19.66 5.87 -25.87
C TRP A 206 20.08 4.74 -24.95
N LEU A 207 21.32 4.81 -24.44
CA LEU A 207 21.77 3.79 -23.50
C LEU A 207 20.92 3.78 -22.23
N HIS A 208 20.57 4.96 -21.73
CA HIS A 208 19.75 5.04 -20.52
C HIS A 208 18.40 4.35 -20.73
N THR A 209 17.74 4.65 -21.86
CA THR A 209 16.41 4.08 -22.07
C THR A 209 16.51 2.59 -22.37
N SER A 210 17.56 2.17 -23.06
CA SER A 210 17.78 0.75 -23.30
C SER A 210 17.97 0.01 -21.98
N PHE A 211 18.72 0.60 -21.05
CA PHE A 211 18.86 -0.02 -19.74
C PHE A 211 17.53 -0.08 -19.02
N ALA A 212 16.70 0.95 -19.12
CA ALA A 212 15.39 0.88 -18.48
C ALA A 212 14.58 -0.30 -19.02
N PHE A 213 14.58 -0.47 -20.34
CA PHE A 213 13.87 -1.59 -20.94
C PHE A 213 14.42 -2.92 -20.46
N LEU A 214 15.74 -3.05 -20.43
CA LEU A 214 16.35 -4.29 -19.93
C LEU A 214 16.02 -4.50 -18.46
N TYR A 215 15.87 -3.41 -17.70
CA TYR A 215 15.51 -3.52 -16.30
C TYR A 215 14.13 -4.13 -16.15
N LEU A 216 13.17 -3.64 -16.93
CA LEU A 216 11.84 -4.23 -16.94
C LEU A 216 11.92 -5.72 -17.26
N LEU A 217 12.65 -6.06 -18.33
CA LEU A 217 12.73 -7.45 -18.74
C LEU A 217 13.31 -8.32 -17.64
N LEU A 218 14.37 -7.85 -16.99
CA LEU A 218 15.07 -8.68 -16.02
C LEU A 218 14.28 -8.81 -14.73
N THR A 219 13.55 -7.76 -14.32
CA THR A 219 12.66 -7.89 -13.16
C THR A 219 11.57 -8.91 -13.44
N VAL A 220 10.94 -8.82 -14.61
CA VAL A 220 9.89 -9.78 -14.95
C VAL A 220 10.47 -11.19 -14.94
N TYR A 221 11.66 -11.37 -15.51
CA TYR A 221 12.25 -12.71 -15.55
C TYR A 221 12.56 -13.23 -14.16
N SER A 222 13.13 -12.38 -13.30
CA SER A 222 13.50 -12.83 -11.97
C SER A 222 12.27 -13.28 -11.20
N MET A 223 11.22 -12.48 -11.21
CA MET A 223 10.07 -12.90 -10.43
C MET A 223 9.22 -13.95 -11.15
N ARG A 224 9.45 -14.17 -12.45
CA ARG A 224 8.94 -15.40 -13.05
C ARG A 224 9.63 -16.61 -12.45
N ARG A 225 10.96 -16.56 -12.38
CA ARG A 225 11.69 -17.63 -11.73
C ARG A 225 11.23 -17.83 -10.29
N HIS A 226 10.79 -16.76 -9.63
CA HIS A 226 10.27 -16.93 -8.27
C HIS A 226 8.90 -17.59 -8.28
N THR A 227 7.90 -16.95 -8.87
CA THR A 227 6.53 -17.38 -8.66
C THR A 227 6.23 -18.69 -9.37
N SER A 228 6.95 -19.02 -10.43
CA SER A 228 6.61 -20.22 -11.18
C SER A 228 7.31 -21.47 -10.69
N LYS A 229 8.14 -21.37 -9.66
CA LYS A 229 8.79 -22.57 -9.14
C LYS A 229 8.19 -23.05 -7.83
N MET A 230 7.59 -22.16 -7.03
CA MET A 230 6.89 -22.55 -5.81
C MET A 230 5.56 -21.81 -5.81
N ARG A 231 4.54 -22.43 -6.38
CA ARG A 231 3.22 -21.83 -6.54
C ARG A 231 2.17 -22.87 -6.18
N TYR A 232 1.41 -22.60 -5.12
CA TYR A 232 0.26 -23.43 -4.80
C TYR A 232 -0.88 -23.17 -5.77
N LYS A 233 -1.63 -24.23 -6.08
CA LYS A 233 -2.70 -24.15 -7.07
C LYS A 233 -3.92 -23.44 -6.52
N GLU A 234 -5.02 -23.45 -7.27
CA GLU A 234 -6.24 -22.76 -6.91
C GLU A 234 -7.09 -23.63 -5.98
N ASP A 235 -8.05 -23.00 -5.32
CA ASP A 235 -8.96 -23.72 -4.45
C ASP A 235 -10.01 -24.46 -5.27
N ASP A 236 -10.52 -25.56 -4.73
CA ASP A 236 -11.54 -26.37 -5.41
C ASP A 236 -12.60 -26.88 -4.45
N LEU A 237 -12.89 -26.12 -3.39
CA LEU A 237 -13.73 -26.60 -2.31
C LEU A 237 -15.17 -26.08 -2.39
N VAL A 238 -15.34 -24.76 -2.41
CA VAL A 238 -16.63 -24.13 -2.15
C VAL A 238 -17.30 -23.70 -3.44
N LYS A 239 -16.89 -24.25 -4.58
CA LYS A 239 -17.43 -23.85 -5.88
C LYS A 239 -18.75 -24.57 -6.16
N ARG A 240 -19.65 -24.51 -5.17
CA ARG A 240 -20.88 -25.30 -5.23
C ARG A 240 -22.12 -24.43 -4.99
N THR A 241 -21.96 -23.12 -5.03
CA THR A 241 -23.04 -22.20 -4.73
C THR A 241 -22.80 -20.90 -5.51
N LEU A 242 -23.87 -20.14 -5.73
CA LEU A 242 -23.76 -18.91 -6.49
C LEU A 242 -24.12 -17.74 -5.59
N PHE A 243 -23.56 -16.57 -5.90
CA PHE A 243 -23.90 -15.32 -5.22
C PHE A 243 -24.49 -14.37 -6.26
N ILE A 244 -25.78 -14.11 -6.13
CA ILE A 244 -26.53 -13.39 -7.15
C ILE A 244 -27.15 -12.14 -6.56
N ASN A 245 -27.04 -11.02 -7.27
CA ASN A 245 -27.83 -9.83 -6.95
C ASN A 245 -29.20 -10.01 -7.58
N GLY A 246 -30.03 -10.80 -6.93
CA GLY A 246 -31.28 -11.28 -7.51
C GLY A 246 -32.46 -10.35 -7.28
N ILE A 247 -33.65 -10.94 -7.33
CA ILE A 247 -34.89 -10.18 -7.25
C ILE A 247 -35.10 -9.71 -5.81
N SER A 248 -35.35 -8.41 -5.66
CA SER A 248 -35.68 -7.84 -4.36
C SER A 248 -37.17 -7.62 -4.15
N LYS A 249 -38.01 -8.01 -5.11
CA LYS A 249 -39.44 -7.89 -4.89
C LYS A 249 -39.86 -8.76 -3.71
N TYR A 250 -39.77 -10.08 -3.86
CA TYR A 250 -39.96 -10.97 -2.74
C TYR A 250 -38.98 -12.13 -2.68
N ALA A 251 -38.26 -12.43 -3.78
CA ALA A 251 -37.24 -13.47 -3.82
C ALA A 251 -37.75 -14.79 -3.24
N GLU A 252 -38.90 -15.24 -3.74
CA GLU A 252 -39.50 -16.48 -3.28
C GLU A 252 -38.62 -17.66 -3.73
N SER A 253 -38.11 -18.42 -2.77
CA SER A 253 -37.00 -19.32 -3.04
C SER A 253 -37.39 -20.50 -3.92
N GLU A 254 -38.55 -21.11 -3.66
CA GLU A 254 -38.94 -22.28 -4.44
C GLU A 254 -39.18 -21.92 -5.89
N LYS A 255 -39.62 -20.70 -6.18
CA LYS A 255 -39.68 -20.26 -7.57
C LYS A 255 -38.30 -20.15 -8.19
N ILE A 256 -37.29 -19.77 -7.40
CA ILE A 256 -35.92 -19.77 -7.89
C ILE A 256 -35.48 -21.18 -8.24
N LYS A 257 -35.80 -22.13 -7.36
CA LYS A 257 -35.45 -23.52 -7.64
C LYS A 257 -36.20 -24.03 -8.87
N LYS A 258 -37.44 -23.59 -9.07
CA LYS A 258 -38.17 -23.96 -10.29
C LYS A 258 -37.50 -23.38 -11.53
N HIS A 259 -37.03 -22.13 -11.45
CA HIS A 259 -36.28 -21.55 -12.56
C HIS A 259 -35.04 -22.38 -12.87
N PHE A 260 -34.29 -22.76 -11.84
CA PHE A 260 -33.08 -23.54 -12.07
C PHE A 260 -33.39 -24.95 -12.54
N GLU A 261 -34.55 -25.48 -12.18
CA GLU A 261 -35.02 -26.71 -12.80
C GLU A 261 -35.28 -26.51 -14.29
N GLU A 262 -35.86 -25.36 -14.65
CA GLU A 262 -36.06 -25.04 -16.05
C GLU A 262 -34.73 -24.99 -16.80
N ALA A 263 -33.72 -24.37 -16.19
CA ALA A 263 -32.40 -24.32 -16.79
C ALA A 263 -31.85 -25.74 -16.96
N TYR A 264 -31.61 -26.42 -15.85
CA TYR A 264 -31.25 -27.84 -15.87
C TYR A 264 -31.46 -28.37 -14.45
N PRO A 265 -32.26 -29.42 -14.27
CA PRO A 265 -32.62 -29.83 -12.90
C PRO A 265 -31.54 -30.61 -12.17
N ASN A 266 -30.40 -30.87 -12.80
CA ASN A 266 -29.35 -31.66 -12.16
C ASN A 266 -28.83 -30.97 -10.90
N CYS A 267 -28.62 -29.65 -10.96
CA CYS A 267 -28.14 -28.89 -9.81
C CYS A 267 -29.31 -28.62 -8.88
N THR A 268 -29.69 -29.66 -8.14
CA THR A 268 -30.74 -29.51 -7.14
C THR A 268 -30.32 -28.51 -6.08
N VAL A 269 -31.24 -27.64 -5.71
CA VAL A 269 -30.96 -26.54 -4.79
C VAL A 269 -31.49 -26.94 -3.42
N LEU A 270 -30.56 -27.21 -2.49
CA LEU A 270 -30.98 -27.56 -1.13
C LEU A 270 -31.68 -26.39 -0.45
N GLU A 271 -31.17 -25.18 -0.62
CA GLU A 271 -31.82 -23.99 -0.11
C GLU A 271 -31.46 -22.79 -0.97
N ALA A 272 -32.40 -21.86 -1.08
CA ALA A 272 -32.18 -20.59 -1.77
C ALA A 272 -32.44 -19.49 -0.74
N ARG A 273 -31.42 -19.13 0.01
CA ARG A 273 -31.58 -18.22 1.13
C ARG A 273 -31.26 -16.80 0.70
N PRO A 274 -32.23 -15.88 0.76
CA PRO A 274 -31.91 -14.46 0.56
C PRO A 274 -31.48 -13.79 1.86
N CYS A 275 -30.58 -12.82 1.71
CA CYS A 275 -30.06 -12.08 2.85
C CYS A 275 -31.07 -11.04 3.31
N TYR A 276 -30.69 -10.24 4.30
CA TYR A 276 -31.56 -9.20 4.85
C TYR A 276 -30.70 -8.06 5.37
N ASN A 277 -31.34 -7.10 6.06
CA ASN A 277 -30.59 -6.04 6.72
C ASN A 277 -29.95 -6.57 8.00
N VAL A 278 -29.13 -7.60 7.82
CA VAL A 278 -28.31 -8.08 8.92
C VAL A 278 -27.44 -6.96 9.45
N ALA A 279 -27.14 -5.97 8.61
CA ALA A 279 -26.43 -4.79 9.06
C ALA A 279 -27.08 -4.23 10.32
N ARG A 280 -28.32 -3.78 10.21
CA ARG A 280 -29.03 -3.25 11.36
C ARG A 280 -29.22 -4.31 12.44
N LEU A 281 -29.63 -5.52 12.03
CA LEU A 281 -29.99 -6.53 13.01
C LEU A 281 -28.82 -6.87 13.93
N MET A 282 -27.67 -7.23 13.37
CA MET A 282 -26.56 -7.57 14.23
C MET A 282 -25.67 -6.39 14.57
N PHE A 283 -25.95 -5.18 14.09
CA PHE A 283 -25.45 -4.02 14.80
C PHE A 283 -26.09 -3.96 16.18
N LEU A 284 -27.42 -4.11 16.21
CA LEU A 284 -28.10 -4.23 17.50
C LEU A 284 -27.59 -5.42 18.29
N ASP A 285 -27.40 -6.56 17.61
CA ASP A 285 -26.95 -7.76 18.30
C ASP A 285 -25.51 -7.65 18.80
N ALA A 286 -24.66 -6.91 18.09
CA ALA A 286 -23.28 -6.74 18.53
C ALA A 286 -23.22 -5.81 19.73
N GLU A 287 -24.01 -4.73 19.70
CA GLU A 287 -24.15 -3.91 20.91
C GLU A 287 -24.67 -4.76 22.07
N ARG A 288 -25.59 -5.68 21.77
CA ARG A 288 -26.12 -6.56 22.80
C ARG A 288 -25.02 -7.46 23.37
N LYS A 289 -24.24 -8.09 22.50
CA LYS A 289 -23.17 -8.97 22.97
C LYS A 289 -22.15 -8.20 23.79
N LYS A 290 -21.82 -6.98 23.36
CA LYS A 290 -21.04 -6.09 24.20
C LYS A 290 -21.70 -5.91 25.55
N ALA A 291 -23.03 -5.81 25.56
CA ALA A 291 -23.74 -5.67 26.83
C ALA A 291 -23.56 -6.89 27.72
N GLU A 292 -23.65 -8.11 27.15
CA GLU A 292 -23.50 -9.28 28.02
C GLU A 292 -22.07 -9.43 28.52
N ARG A 293 -21.07 -9.18 27.68
CA ARG A 293 -19.71 -9.26 28.19
C ARG A 293 -19.49 -8.21 29.28
N GLY A 294 -20.00 -6.99 29.06
CA GLY A 294 -19.91 -5.98 30.07
C GLY A 294 -20.61 -6.36 31.36
N LYS A 295 -21.77 -7.02 31.24
CA LYS A 295 -22.45 -7.47 32.44
C LYS A 295 -21.67 -8.55 33.15
N LEU A 296 -20.97 -9.41 32.42
CA LEU A 296 -20.13 -10.41 33.06
C LEU A 296 -19.00 -9.75 33.85
N TYR A 297 -18.30 -8.80 33.22
CA TYR A 297 -17.24 -8.12 33.95
C TYR A 297 -17.78 -7.29 35.11
N PHE A 298 -18.97 -6.72 34.97
CA PHE A 298 -19.56 -6.00 36.09
C PHE A 298 -19.95 -6.94 37.23
N THR A 299 -20.47 -8.12 36.88
CA THR A 299 -20.75 -9.12 37.91
C THR A 299 -19.48 -9.44 38.68
N ASN A 300 -18.39 -9.64 37.96
CA ASN A 300 -17.10 -9.88 38.62
C ASN A 300 -16.69 -8.68 39.46
N LEU A 301 -16.88 -7.47 38.94
CA LEU A 301 -16.36 -6.27 39.60
C LEU A 301 -17.08 -6.00 40.91
N GLN A 302 -18.41 -6.00 40.89
CA GLN A 302 -19.16 -5.83 42.14
C GLN A 302 -19.38 -7.12 42.90
N SER A 303 -18.81 -8.25 42.45
CA SER A 303 -18.63 -9.37 43.36
C SER A 303 -17.30 -9.28 44.10
N LYS A 304 -16.30 -8.66 43.49
CA LYS A 304 -15.01 -8.47 44.16
C LYS A 304 -15.09 -7.32 45.14
N GLU A 305 -15.51 -6.14 44.67
CA GLU A 305 -15.58 -4.97 45.55
C GLU A 305 -16.79 -5.01 46.48
N ASN A 306 -17.91 -5.56 46.01
CA ASN A 306 -19.15 -5.63 46.76
C ASN A 306 -19.69 -4.26 47.14
N VAL A 307 -19.35 -3.23 46.35
CA VAL A 307 -19.79 -1.86 46.62
C VAL A 307 -20.27 -1.25 45.32
N PRO A 308 -21.41 -0.53 45.31
CA PRO A 308 -21.84 0.15 44.08
C PRO A 308 -20.79 1.17 43.64
N THR A 309 -20.64 1.29 42.32
CA THR A 309 -19.55 2.06 41.74
C THR A 309 -20.06 3.33 41.08
N MET A 310 -19.23 4.38 41.15
CA MET A 310 -19.56 5.70 40.62
C MET A 310 -18.82 5.83 39.29
N ILE A 311 -19.40 5.26 38.23
CA ILE A 311 -18.69 5.03 36.98
C ILE A 311 -19.25 5.91 35.87
N ASN A 312 -18.36 6.30 34.96
CA ASN A 312 -18.71 7.19 33.86
C ASN A 312 -19.11 6.38 32.64
N PRO A 313 -20.36 6.48 32.16
CA PRO A 313 -20.73 5.84 30.91
C PRO A 313 -20.53 6.71 29.68
N LYS A 314 -20.24 7.99 29.86
CA LYS A 314 -20.11 8.92 28.74
C LYS A 314 -18.85 8.59 27.94
N PRO A 315 -18.95 8.39 26.62
CA PRO A 315 -17.77 8.02 25.84
C PRO A 315 -16.73 9.13 25.85
N CYS A 316 -15.46 8.72 25.79
CA CYS A 316 -14.32 9.63 25.92
C CYS A 316 -14.33 10.34 27.27
N GLY A 317 -14.87 9.67 28.29
CA GLY A 317 -14.86 10.19 29.64
C GLY A 317 -14.08 9.29 30.57
N HIS A 318 -12.92 8.83 30.10
CA HIS A 318 -12.16 7.82 30.83
C HIS A 318 -11.73 8.31 32.20
N LEU A 319 -11.23 9.54 32.28
CA LEU A 319 -10.72 10.09 33.54
C LEU A 319 -11.23 11.51 33.76
N CYS A 320 -12.53 11.71 33.58
CA CYS A 320 -13.15 13.02 33.81
C CYS A 320 -13.89 12.95 35.15
N CYS A 321 -13.16 13.20 36.23
CA CYS A 321 -13.73 13.16 37.57
C CYS A 321 -14.49 14.42 37.93
N CYS A 322 -14.45 15.46 37.10
CA CYS A 322 -15.14 16.70 37.37
C CYS A 322 -16.59 16.63 36.91
N VAL A 323 -17.39 17.56 37.40
CA VAL A 323 -18.81 17.61 37.07
C VAL A 323 -18.97 18.12 35.64
N VAL A 324 -19.80 17.41 34.86
CA VAL A 324 -20.05 17.77 33.46
C VAL A 324 -21.56 17.93 33.29
N ARG A 325 -21.93 18.92 32.47
CA ARG A 325 -23.34 19.24 32.22
C ARG A 325 -24.10 18.05 31.66
N GLY A 326 -25.05 17.53 32.42
CA GLY A 326 -25.86 16.42 31.95
C GLY A 326 -25.14 15.11 31.86
N CYS A 327 -24.05 14.93 32.59
CA CYS A 327 -23.24 13.72 32.54
C CYS A 327 -23.15 13.06 33.92
N GLU A 328 -24.28 12.94 34.60
CA GLU A 328 -24.33 12.25 35.88
C GLU A 328 -23.95 10.78 35.70
N GLN A 329 -23.18 10.26 36.64
CA GLN A 329 -22.70 8.89 36.58
C GLN A 329 -23.65 7.98 37.34
N VAL A 330 -24.19 6.99 36.66
CA VAL A 330 -25.18 6.08 37.22
C VAL A 330 -24.48 4.85 37.77
N GLU A 331 -25.09 4.22 38.77
CA GLU A 331 -24.54 2.97 39.30
C GLU A 331 -24.55 1.90 38.22
N ALA A 332 -23.55 1.02 38.29
CA ALA A 332 -23.37 0.02 37.23
C ALA A 332 -24.57 -0.88 37.07
N ILE A 333 -25.14 -1.36 38.20
CA ILE A 333 -26.16 -2.40 38.14
C ILE A 333 -27.37 -1.92 37.36
N GLU A 334 -27.91 -0.76 37.75
CA GLU A 334 -29.08 -0.21 37.07
C GLU A 334 -28.75 0.15 35.64
N TYR A 335 -27.51 0.52 35.37
CA TYR A 335 -27.03 0.83 34.03
C TYR A 335 -27.19 -0.39 33.13
N TYR A 336 -26.44 -1.47 33.43
CA TYR A 336 -26.44 -2.59 32.51
C TYR A 336 -27.76 -3.35 32.51
N THR A 337 -28.49 -3.40 33.63
CA THR A 337 -29.76 -4.13 33.62
C THR A 337 -30.73 -3.53 32.61
N LYS A 338 -30.97 -2.22 32.71
CA LYS A 338 -31.87 -1.57 31.76
C LYS A 338 -31.31 -1.64 30.34
N LEU A 339 -30.00 -1.43 30.17
CA LEU A 339 -29.46 -1.47 28.82
C LEU A 339 -29.66 -2.83 28.18
N GLU A 340 -29.39 -3.91 28.92
CA GLU A 340 -29.52 -5.23 28.34
C GLU A 340 -30.97 -5.57 28.04
N GLN A 341 -31.90 -5.18 28.93
CA GLN A 341 -33.30 -5.46 28.66
C GLN A 341 -33.77 -4.71 27.41
N LYS A 342 -33.41 -3.43 27.31
CA LYS A 342 -33.83 -2.63 26.16
C LYS A 342 -33.24 -3.22 24.87
N LEU A 343 -31.96 -3.57 24.90
CA LEU A 343 -31.34 -4.14 23.71
C LEU A 343 -31.95 -5.50 23.36
N LYS A 344 -32.35 -6.27 24.37
CA LYS A 344 -32.95 -7.58 24.09
C LYS A 344 -34.28 -7.42 23.36
N GLU A 345 -35.16 -6.56 23.89
CA GLU A 345 -36.45 -6.38 23.21
C GLU A 345 -36.25 -5.71 21.85
N ASP A 346 -35.31 -4.78 21.75
CA ASP A 346 -35.02 -4.15 20.47
C ASP A 346 -34.55 -5.19 19.46
N TYR A 347 -33.69 -6.12 19.87
CA TYR A 347 -33.24 -7.17 18.98
C TYR A 347 -34.39 -8.08 18.56
N LYS A 348 -35.28 -8.39 19.50
CA LYS A 348 -36.42 -9.25 19.16
C LYS A 348 -37.28 -8.61 18.09
N ARG A 349 -37.71 -7.36 18.32
CA ARG A 349 -38.55 -6.70 17.32
C ARG A 349 -37.78 -6.44 16.03
N GLU A 350 -36.48 -6.20 16.15
CA GLU A 350 -35.64 -5.98 14.99
C GLU A 350 -35.63 -7.20 14.10
N LYS A 351 -35.43 -8.39 14.68
CA LYS A 351 -35.48 -9.62 13.89
C LYS A 351 -36.87 -9.83 13.30
N GLU A 352 -37.91 -9.55 14.09
CA GLU A 352 -39.28 -9.69 13.59
C GLU A 352 -39.47 -8.88 12.32
N LYS A 353 -38.94 -7.66 12.27
CA LYS A 353 -39.03 -6.91 11.01
C LYS A 353 -37.94 -7.28 10.02
N VAL A 354 -36.88 -7.98 10.44
CA VAL A 354 -35.93 -8.55 9.50
C VAL A 354 -36.57 -9.66 8.70
N ASN A 355 -37.68 -10.21 9.18
CA ASN A 355 -38.48 -11.07 8.32
C ASN A 355 -38.87 -10.36 7.03
N GLU A 356 -39.06 -9.04 7.10
CA GLU A 356 -39.24 -8.17 5.94
C GLU A 356 -37.87 -7.81 5.37
N LYS A 357 -37.77 -6.74 4.58
CA LYS A 357 -36.49 -6.24 4.08
C LYS A 357 -35.80 -7.25 3.17
N PRO A 358 -36.28 -7.39 1.93
CA PRO A 358 -35.75 -8.42 1.03
C PRO A 358 -34.24 -8.33 0.77
N LEU A 359 -33.76 -7.20 0.24
CA LEU A 359 -32.36 -7.05 -0.15
C LEU A 359 -31.93 -8.18 -1.07
N GLY A 360 -32.64 -8.30 -2.19
CA GLY A 360 -32.55 -9.54 -2.95
C GLY A 360 -31.15 -9.88 -3.43
N MET A 361 -30.50 -10.77 -2.69
CA MET A 361 -29.14 -11.23 -2.90
C MET A 361 -29.00 -12.73 -2.71
N ALA A 362 -30.05 -13.51 -3.03
CA ALA A 362 -30.14 -14.86 -2.53
C ALA A 362 -29.00 -15.75 -3.01
N PHE A 363 -28.52 -16.61 -2.12
CA PHE A 363 -27.60 -17.68 -2.44
C PHE A 363 -28.37 -18.90 -2.90
N VAL A 364 -27.78 -19.66 -3.83
CA VAL A 364 -28.40 -20.90 -4.31
C VAL A 364 -27.35 -22.01 -4.30
N THR A 365 -27.58 -23.04 -3.50
CA THR A 365 -26.66 -24.16 -3.42
C THR A 365 -26.89 -25.12 -4.58
N PHE A 366 -25.80 -25.60 -5.16
CA PHE A 366 -25.82 -26.44 -6.35
C PHE A 366 -25.08 -27.75 -6.05
N HIS A 367 -24.83 -28.53 -7.10
CA HIS A 367 -24.04 -29.74 -6.99
C HIS A 367 -23.32 -29.97 -8.31
N ASN A 368 -22.29 -30.81 -8.25
CA ASN A 368 -21.53 -31.23 -9.44
C ASN A 368 -20.95 -30.01 -10.15
N GLU A 369 -19.98 -29.39 -9.48
CA GLU A 369 -19.40 -28.09 -9.82
C GLU A 369 -19.24 -27.86 -11.31
N THR A 370 -18.95 -28.92 -12.06
CA THR A 370 -18.84 -28.81 -13.51
C THR A 370 -20.13 -28.26 -14.12
N ILE A 371 -21.26 -28.85 -13.76
CA ILE A 371 -22.54 -28.33 -14.25
C ILE A 371 -22.82 -26.96 -13.65
N THR A 372 -22.34 -26.70 -12.43
CA THR A 372 -22.41 -25.35 -11.90
C THR A 372 -21.60 -24.39 -12.76
N ALA A 373 -20.44 -24.84 -13.25
CA ALA A 373 -19.67 -24.02 -14.18
C ALA A 373 -20.45 -23.78 -15.47
N ILE A 374 -21.18 -24.78 -15.94
CA ILE A 374 -22.02 -24.59 -17.11
C ILE A 374 -23.09 -23.54 -16.85
N ILE A 375 -23.69 -23.58 -15.65
CA ILE A 375 -24.71 -22.60 -15.29
C ILE A 375 -24.11 -21.20 -15.28
N LEU A 376 -22.89 -21.07 -14.73
CA LEU A 376 -22.22 -19.77 -14.75
C LEU A 376 -21.97 -19.31 -16.19
N LYS A 377 -21.52 -20.23 -17.04
CA LYS A 377 -21.28 -19.88 -18.44
C LYS A 377 -22.57 -19.46 -19.13
N ASP A 378 -23.71 -19.97 -18.67
CA ASP A 378 -24.99 -19.57 -19.23
C ASP A 378 -25.26 -18.08 -19.06
N PHE A 379 -24.68 -17.44 -18.04
CA PHE A 379 -25.02 -16.06 -17.78
C PHE A 379 -24.11 -15.10 -18.53
N ASN A 380 -24.54 -13.85 -18.60
CA ASN A 380 -23.89 -12.86 -19.43
C ASN A 380 -22.52 -12.47 -18.87
N VAL A 381 -21.58 -12.23 -19.78
CA VAL A 381 -20.25 -11.74 -19.43
C VAL A 381 -20.14 -10.38 -20.12
N CYS A 382 -21.26 -9.67 -20.18
CA CYS A 382 -21.39 -8.43 -20.94
C CYS A 382 -21.12 -8.65 -22.43
N LYS A 383 -21.55 -9.81 -22.94
CA LYS A 383 -21.45 -10.11 -24.37
C LYS A 383 -22.72 -9.68 -25.09
N CYS A 384 -23.06 -8.41 -24.94
CA CYS A 384 -24.27 -7.84 -25.52
C CYS A 384 -23.90 -6.64 -26.38
N GLN A 385 -24.52 -6.57 -27.55
CA GLN A 385 -24.29 -5.49 -28.51
C GLN A 385 -25.44 -4.49 -28.57
N GLY A 386 -26.69 -4.97 -28.49
CA GLY A 386 -27.83 -4.09 -28.54
C GLY A 386 -28.51 -4.08 -29.89
N CYS A 387 -29.23 -3.01 -30.20
CA CYS A 387 -29.94 -2.88 -31.47
C CYS A 387 -29.75 -1.49 -32.06
N GLU A 400 -39.16 -19.06 -15.71
CA GLU A 400 -40.33 -18.31 -16.15
C GLU A 400 -39.95 -17.22 -17.15
N SER A 401 -40.93 -16.82 -17.97
CA SER A 401 -40.73 -15.84 -19.04
C SER A 401 -40.84 -14.41 -18.49
N LEU A 402 -39.90 -14.08 -17.61
CA LEU A 402 -39.85 -12.78 -16.94
C LEU A 402 -38.38 -12.33 -16.94
N HIS A 403 -38.07 -11.37 -16.06
CA HIS A 403 -36.73 -10.82 -15.89
C HIS A 403 -35.65 -11.89 -16.07
N ILE A 404 -34.66 -11.58 -16.89
CA ILE A 404 -33.51 -12.47 -17.07
C ILE A 404 -32.17 -11.77 -16.99
N SER A 405 -32.10 -10.44 -17.01
CA SER A 405 -30.83 -9.75 -17.15
C SER A 405 -30.21 -9.33 -15.83
N ASN A 406 -30.95 -9.33 -14.73
CA ASN A 406 -30.44 -8.73 -13.50
C ASN A 406 -29.54 -9.65 -12.69
N TRP A 407 -29.54 -10.95 -12.94
CA TRP A 407 -28.75 -11.84 -12.10
C TRP A 407 -27.28 -11.72 -12.50
N THR A 408 -26.39 -11.58 -11.52
CA THR A 408 -24.95 -11.59 -11.77
C THR A 408 -24.31 -12.65 -10.89
N VAL A 409 -23.46 -13.47 -11.49
CA VAL A 409 -22.91 -14.67 -10.87
C VAL A 409 -21.59 -14.34 -10.18
N SER A 410 -21.33 -15.01 -9.06
CA SER A 410 -20.07 -14.89 -8.34
C SER A 410 -20.03 -15.96 -7.26
N TYR A 411 -18.86 -16.06 -6.60
CA TYR A 411 -18.61 -17.03 -5.54
C TYR A 411 -18.12 -16.26 -4.31
N ALA A 412 -19.03 -16.00 -3.39
CA ALA A 412 -18.74 -15.11 -2.28
C ALA A 412 -18.01 -15.72 -1.08
N PRO A 413 -18.37 -16.94 -0.62
CA PRO A 413 -18.34 -17.23 0.82
C PRO A 413 -17.08 -16.83 1.56
N ASP A 414 -17.17 -15.82 2.44
CA ASP A 414 -16.02 -15.48 3.26
C ASP A 414 -15.86 -16.47 4.41
N PRO A 415 -16.79 -16.58 5.40
CA PRO A 415 -16.79 -17.81 6.21
C PRO A 415 -17.38 -18.97 5.43
N GLN A 416 -18.58 -18.73 4.89
CA GLN A 416 -19.44 -19.78 4.36
C GLN A 416 -20.60 -19.10 3.64
N ASN A 417 -21.27 -19.86 2.78
CA ASN A 417 -22.46 -19.38 2.06
C ASN A 417 -23.72 -19.95 2.68
N ILE A 418 -24.07 -19.44 3.85
CA ILE A 418 -25.27 -19.80 4.59
C ILE A 418 -25.92 -18.51 5.06
N TYR A 419 -26.99 -18.62 5.86
CA TYR A 419 -27.61 -17.43 6.41
C TYR A 419 -26.66 -16.79 7.42
N TRP A 420 -27.10 -15.65 7.98
CA TRP A 420 -26.25 -14.87 8.88
C TRP A 420 -24.93 -14.52 8.20
N GLU A 421 -25.02 -14.17 6.91
CA GLU A 421 -23.83 -14.02 6.08
C GLU A 421 -22.87 -12.96 6.59
N HIS A 422 -23.25 -11.69 6.55
CA HIS A 422 -22.26 -10.64 6.81
C HIS A 422 -22.99 -9.35 7.19
N LEU A 423 -22.22 -8.31 7.46
CA LEU A 423 -22.69 -7.09 8.13
C LEU A 423 -22.67 -5.87 7.22
N SER A 424 -21.61 -5.67 6.46
CA SER A 424 -21.44 -4.49 5.62
C SER A 424 -21.90 -4.75 4.20
N ILE A 425 -22.97 -5.53 4.06
CA ILE A 425 -23.54 -5.87 2.76
C ILE A 425 -24.65 -4.88 2.40
N ARG A 426 -24.61 -3.69 2.99
CA ARG A 426 -25.55 -2.58 2.87
C ARG A 426 -25.43 -1.76 1.60
N GLY A 427 -24.33 -1.05 1.42
CA GLY A 427 -24.21 -0.12 0.32
C GLY A 427 -24.16 -0.77 -1.05
N PHE A 428 -25.16 -0.49 -1.88
CA PHE A 428 -25.14 -0.93 -3.27
C PHE A 428 -24.54 0.14 -4.18
N ILE A 429 -25.05 1.36 -4.11
CA ILE A 429 -24.58 2.48 -4.93
C ILE A 429 -23.80 3.48 -4.10
N TRP A 430 -23.53 3.18 -2.84
CA TRP A 430 -22.78 4.10 -2.00
C TRP A 430 -21.29 4.00 -2.27
N TRP A 431 -20.90 4.14 -3.54
CA TRP A 431 -19.51 4.45 -3.85
C TRP A 431 -19.10 5.73 -3.15
N LEU A 432 -20.06 6.62 -2.93
CA LEU A 432 -19.76 7.93 -2.35
C LEU A 432 -18.99 7.79 -1.05
N ARG A 433 -19.26 6.75 -0.28
CA ARG A 433 -18.43 6.50 0.89
C ARG A 433 -16.98 6.30 0.48
N CYS A 434 -16.74 5.46 -0.53
CA CYS A 434 -15.37 5.16 -0.94
C CYS A 434 -14.68 6.42 -1.46
N LEU A 435 -15.35 7.18 -2.32
CA LEU A 435 -14.71 8.36 -2.89
C LEU A 435 -14.53 9.45 -1.85
N VAL A 436 -15.47 9.62 -0.92
CA VAL A 436 -15.28 10.62 0.13
C VAL A 436 -14.10 10.24 1.01
N ILE A 437 -13.97 8.96 1.37
CA ILE A 437 -12.83 8.54 2.18
C ILE A 437 -11.52 8.76 1.44
N ASN A 438 -11.49 8.39 0.16
CA ASN A 438 -10.27 8.59 -0.62
C ASN A 438 -9.92 10.07 -0.73
N VAL A 439 -10.92 10.93 -0.93
CA VAL A 439 -10.65 12.36 -1.07
C VAL A 439 -10.13 12.95 0.24
N VAL A 440 -10.74 12.58 1.36
CA VAL A 440 -10.25 13.10 2.64
C VAL A 440 -8.82 12.65 2.88
N LEU A 441 -8.54 11.37 2.61
CA LEU A 441 -7.18 10.88 2.77
C LEU A 441 -6.22 11.58 1.83
N PHE A 442 -6.67 11.90 0.62
CA PHE A 442 -5.81 12.55 -0.36
C PHE A 442 -5.46 13.97 0.07
N ILE A 443 -6.42 14.69 0.66
CA ILE A 443 -6.14 16.03 1.17
C ILE A 443 -5.16 15.94 2.34
N LEU A 444 -5.40 15.01 3.27
CA LEU A 444 -4.41 14.79 4.31
C LEU A 444 -3.05 14.46 3.72
N LEU A 445 -3.06 13.79 2.57
CA LEU A 445 -1.81 13.34 1.97
C LEU A 445 -1.01 14.51 1.44
N PHE A 446 -1.68 15.46 0.78
CA PHE A 446 -1.02 16.69 0.38
C PHE A 446 -0.46 17.42 1.59
N PHE A 447 -1.27 17.55 2.63
CA PHE A 447 -0.80 18.30 3.79
C PHE A 447 0.30 17.59 4.56
N LEU A 448 0.50 16.29 4.31
CA LEU A 448 1.64 15.57 4.87
C LEU A 448 2.88 15.66 3.98
N THR A 449 2.70 15.73 2.66
CA THR A 449 3.85 15.85 1.77
C THR A 449 4.45 17.25 1.77
N THR A 450 3.61 18.28 1.84
CA THR A 450 4.08 19.65 1.68
C THR A 450 5.23 20.06 2.59
N PRO A 451 5.23 19.73 3.89
CA PRO A 451 6.39 20.10 4.72
C PRO A 451 7.70 19.54 4.21
N ALA A 452 7.70 18.34 3.61
CA ALA A 452 8.94 17.78 3.09
C ALA A 452 9.59 18.74 2.09
N ILE A 453 8.82 19.20 1.11
CA ILE A 453 9.39 20.07 0.10
C ILE A 453 9.75 21.43 0.69
N ILE A 454 8.84 22.02 1.46
CA ILE A 454 9.06 23.40 1.87
C ILE A 454 10.03 23.45 3.06
N ILE A 455 10.52 22.29 3.47
CA ILE A 455 11.66 22.25 4.37
C ILE A 455 12.95 21.83 3.65
N THR A 456 12.85 21.10 2.54
CA THR A 456 14.06 20.84 1.78
C THR A 456 14.45 22.00 0.87
N THR A 457 13.60 23.01 0.74
CA THR A 457 13.90 24.11 -0.17
C THR A 457 13.55 25.46 0.46
N MET A 458 14.00 25.72 1.68
CA MET A 458 13.82 27.10 2.11
C MET A 458 14.97 27.98 1.66
N ASP A 459 16.20 27.48 1.75
CA ASP A 459 17.36 28.29 1.43
C ASP A 459 17.46 28.56 -0.06
N LYS A 460 16.98 27.62 -0.88
CA LYS A 460 17.18 27.73 -2.32
C LYS A 460 16.27 28.76 -2.97
N PHE A 461 15.17 29.15 -2.33
CA PHE A 461 14.39 30.27 -2.86
C PHE A 461 15.31 31.45 -3.10
N ASN A 462 15.38 31.89 -4.35
CA ASN A 462 16.38 32.87 -4.73
C ASN A 462 16.11 34.19 -4.03
N VAL A 463 16.88 34.48 -3.00
CA VAL A 463 16.70 35.65 -2.16
C VAL A 463 17.14 36.89 -2.92
N THR A 464 16.85 38.07 -2.36
CA THR A 464 17.20 39.31 -3.03
C THR A 464 18.69 39.47 -3.25
N LYS A 465 19.52 38.72 -2.53
CA LYS A 465 20.96 38.65 -2.79
C LYS A 465 21.39 37.20 -2.73
N PRO A 466 21.24 36.45 -3.82
CA PRO A 466 21.47 34.99 -3.80
C PRO A 466 22.93 34.58 -3.84
N VAL A 467 23.57 34.57 -2.68
CA VAL A 467 24.92 34.05 -2.55
C VAL A 467 24.83 32.60 -2.08
N GLU A 468 25.81 31.79 -2.48
CA GLU A 468 25.76 30.36 -2.20
C GLU A 468 25.98 30.03 -0.74
N TYR A 469 26.36 30.99 0.10
CA TYR A 469 26.56 30.72 1.52
C TYR A 469 25.30 30.95 2.34
N LEU A 470 24.17 30.38 1.89
CA LEU A 470 22.96 30.30 2.70
C LEU A 470 22.48 28.86 2.61
N ASN A 471 23.04 27.99 3.43
CA ASN A 471 22.68 26.57 3.44
C ASN A 471 23.10 25.97 4.78
N ASN A 472 22.55 24.80 5.06
CA ASN A 472 23.10 23.89 6.06
C ASN A 472 22.63 22.48 5.73
N PRO A 473 23.53 21.56 5.33
CA PRO A 473 23.06 20.25 4.84
C PRO A 473 22.23 19.48 5.85
N ILE A 474 22.56 19.58 7.13
CA ILE A 474 21.83 18.82 8.14
C ILE A 474 20.37 19.23 8.16
N ILE A 475 20.09 20.53 8.26
CA ILE A 475 18.71 20.96 8.48
C ILE A 475 17.85 20.71 7.25
N THR A 476 18.42 20.87 6.05
CA THR A 476 17.64 20.74 4.83
C THR A 476 17.73 19.36 4.21
N GLN A 477 18.44 18.42 4.83
CA GLN A 477 18.41 17.05 4.33
C GLN A 477 17.94 16.03 5.34
N PHE A 478 18.49 16.03 6.56
CA PHE A 478 18.18 14.95 7.48
C PHE A 478 16.79 15.09 8.09
N PHE A 479 16.40 16.31 8.47
CA PHE A 479 15.07 16.57 9.01
C PHE A 479 13.95 16.38 7.99
N PRO A 480 14.07 16.88 6.76
CA PRO A 480 12.98 16.65 5.81
C PRO A 480 12.73 15.18 5.52
N THR A 481 13.77 14.41 5.21
CA THR A 481 13.56 13.00 4.92
C THR A 481 13.15 12.22 6.17
N LEU A 482 13.61 12.63 7.35
CA LEU A 482 13.11 12.00 8.56
C LEU A 482 11.62 12.24 8.72
N LEU A 483 11.17 13.46 8.45
CA LEU A 483 9.74 13.75 8.50
C LEU A 483 8.98 12.90 7.49
N LEU A 484 9.52 12.81 6.27
CA LEU A 484 8.85 12.03 5.23
C LEU A 484 8.79 10.57 5.59
N TRP A 485 9.85 10.03 6.17
CA TRP A 485 9.83 8.63 6.59
C TRP A 485 8.85 8.41 7.73
N CYS A 486 8.78 9.35 8.68
CA CYS A 486 7.81 9.20 9.77
C CYS A 486 6.40 9.16 9.22
N PHE A 487 6.10 10.04 8.27
CA PHE A 487 4.78 10.00 7.65
C PHE A 487 4.58 8.71 6.86
N SER A 488 5.63 8.22 6.22
CA SER A 488 5.49 7.02 5.39
C SER A 488 5.46 5.74 6.21
N ALA A 489 5.79 5.81 7.50
CA ALA A 489 5.53 4.70 8.40
C ALA A 489 4.21 4.85 9.13
N LEU A 490 3.69 6.07 9.21
CA LEU A 490 2.38 6.28 9.80
C LEU A 490 1.24 6.04 8.82
N LEU A 491 1.49 6.15 7.52
CA LEU A 491 0.41 6.00 6.55
C LEU A 491 -0.30 4.65 6.58
N PRO A 492 0.38 3.49 6.64
CA PRO A 492 -0.37 2.22 6.57
C PRO A 492 -1.44 2.08 7.64
N THR A 493 -1.19 2.55 8.85
CA THR A 493 -2.22 2.49 9.88
C THR A 493 -3.46 3.27 9.46
N ILE A 494 -3.26 4.49 8.95
CA ILE A 494 -4.40 5.31 8.55
C ILE A 494 -5.14 4.65 7.41
N VAL A 495 -4.41 4.09 6.44
CA VAL A 495 -5.08 3.49 5.30
C VAL A 495 -5.89 2.27 5.72
N TYR A 496 -5.35 1.45 6.60
CA TYR A 496 -6.12 0.30 7.08
C TYR A 496 -7.36 0.75 7.85
N TYR A 497 -7.23 1.79 8.67
CA TYR A 497 -8.38 2.30 9.40
C TYR A 497 -9.47 2.77 8.45
N SER A 498 -9.09 3.57 7.46
CA SER A 498 -10.08 4.08 6.51
C SER A 498 -10.71 2.94 5.73
N ALA A 499 -9.91 1.95 5.34
CA ALA A 499 -10.46 0.81 4.60
C ALA A 499 -11.49 0.07 5.43
N PHE A 500 -11.22 -0.09 6.72
CA PHE A 500 -12.22 -0.72 7.59
C PHE A 500 -13.49 0.12 7.64
N PHE A 501 -13.37 1.44 7.68
CA PHE A 501 -14.59 2.26 7.74
C PHE A 501 -15.28 2.40 6.39
N GLU A 502 -14.66 1.98 5.29
CA GLU A 502 -15.36 1.99 4.00
C GLU A 502 -16.49 0.97 3.96
N ALA A 503 -16.46 -0.02 4.85
CA ALA A 503 -17.44 -1.12 4.88
C ALA A 503 -17.39 -1.94 3.58
N HIS A 504 -16.25 -2.58 3.39
CA HIS A 504 -16.14 -3.66 2.42
C HIS A 504 -17.08 -4.79 2.81
N TRP A 505 -17.42 -5.66 1.88
CA TRP A 505 -18.27 -6.80 2.18
C TRP A 505 -17.68 -8.09 1.62
N THR A 506 -16.36 -8.23 1.73
CA THR A 506 -15.68 -9.51 1.54
C THR A 506 -14.28 -9.42 2.14
N ARG A 507 -14.02 -10.13 3.23
CA ARG A 507 -12.78 -9.89 3.97
C ARG A 507 -11.55 -10.12 3.12
N SER A 508 -11.58 -11.12 2.23
CA SER A 508 -10.48 -11.26 1.28
C SER A 508 -10.38 -10.04 0.39
N GLY A 509 -11.51 -9.55 -0.10
CA GLY A 509 -11.50 -8.35 -0.91
C GLY A 509 -11.02 -7.14 -0.14
N GLU A 510 -11.42 -7.05 1.13
CA GLU A 510 -10.95 -5.93 1.95
C GLU A 510 -9.45 -5.96 2.11
N ASN A 511 -8.88 -7.13 2.42
CA ASN A 511 -7.44 -7.20 2.60
C ASN A 511 -6.70 -6.87 1.31
N ARG A 512 -7.16 -7.42 0.18
CA ARG A 512 -6.47 -7.15 -1.07
C ARG A 512 -6.53 -5.67 -1.43
N THR A 513 -7.72 -5.08 -1.41
CA THR A 513 -7.84 -3.69 -1.78
C THR A 513 -7.15 -2.76 -0.79
N THR A 514 -7.11 -3.13 0.49
CA THR A 514 -6.38 -2.33 1.44
C THR A 514 -4.88 -2.37 1.16
N MET A 515 -4.35 -3.54 0.80
CA MET A 515 -2.95 -3.60 0.42
C MET A 515 -2.65 -2.67 -0.75
N HIS A 516 -3.47 -2.77 -1.79
CA HIS A 516 -3.19 -1.94 -2.97
C HIS A 516 -3.36 -0.45 -2.66
N LYS A 517 -4.36 -0.09 -1.86
CA LYS A 517 -4.52 1.31 -1.49
C LYS A 517 -3.33 1.80 -0.68
N CYS A 518 -2.83 0.99 0.25
CA CYS A 518 -1.66 1.39 1.02
C CYS A 518 -0.49 1.64 0.10
N TYR A 519 -0.25 0.74 -0.85
CA TYR A 519 0.87 0.94 -1.76
C TYR A 519 0.68 2.17 -2.63
N THR A 520 -0.51 2.37 -3.18
CA THR A 520 -0.71 3.51 -4.07
C THR A 520 -0.60 4.83 -3.33
N PHE A 521 -1.13 4.90 -2.10
CA PHE A 521 -0.98 6.14 -1.35
C PHE A 521 0.46 6.37 -0.95
N LEU A 522 1.20 5.31 -0.63
CA LEU A 522 2.63 5.48 -0.39
C LEU A 522 3.34 5.99 -1.63
N ILE A 523 2.93 5.53 -2.80
CA ILE A 523 3.53 6.02 -4.04
C ILE A 523 3.27 7.51 -4.20
N PHE A 524 2.02 7.95 -4.04
CA PHE A 524 1.79 9.38 -4.14
C PHE A 524 2.49 10.18 -3.06
N MET A 525 2.73 9.63 -1.89
CA MET A 525 3.29 10.51 -0.87
C MET A 525 4.81 10.45 -0.78
N VAL A 526 5.44 9.43 -1.35
CA VAL A 526 6.89 9.29 -1.29
C VAL A 526 7.55 9.61 -2.61
N LEU A 527 7.03 9.06 -3.71
CA LEU A 527 7.66 9.22 -5.02
C LEU A 527 6.96 10.25 -5.90
N LEU A 528 5.66 10.10 -6.13
CA LEU A 528 5.01 10.90 -7.15
C LEU A 528 4.98 12.39 -6.80
N LEU A 529 4.30 12.75 -5.72
CA LEU A 529 4.18 14.18 -5.40
C LEU A 529 5.51 14.84 -5.12
N PRO A 530 6.41 14.30 -4.30
CA PRO A 530 7.68 15.01 -4.11
C PRO A 530 8.46 15.19 -5.39
N SER A 531 8.49 14.20 -6.28
CA SER A 531 9.26 14.35 -7.51
C SER A 531 8.61 15.37 -8.44
N LEU A 532 7.29 15.29 -8.62
CA LEU A 532 6.62 16.25 -9.47
C LEU A 532 6.76 17.66 -8.91
N GLY A 533 6.57 17.82 -7.60
CA GLY A 533 6.71 19.12 -6.99
C GLY A 533 8.10 19.68 -7.13
N LEU A 534 9.12 18.85 -6.90
CA LEU A 534 10.49 19.34 -7.02
C LEU A 534 10.85 19.67 -8.45
N SER A 535 10.37 18.89 -9.42
CA SER A 535 10.65 19.19 -10.81
C SER A 535 10.04 20.54 -11.20
N SER A 536 8.77 20.74 -10.89
CA SER A 536 8.14 22.03 -11.20
C SER A 536 8.82 23.16 -10.44
N LEU A 537 9.18 22.91 -9.19
CA LEU A 537 9.82 23.94 -8.38
C LEU A 537 11.14 24.36 -9.00
N ASP A 538 11.92 23.40 -9.50
CA ASP A 538 13.17 23.77 -10.14
C ASP A 538 12.94 24.43 -11.48
N LEU A 539 11.86 24.09 -12.17
CA LEU A 539 11.56 24.81 -13.40
C LEU A 539 11.33 26.29 -13.10
N PHE A 540 10.53 26.58 -12.08
CA PHE A 540 10.31 27.98 -11.72
C PHE A 540 11.51 28.61 -11.04
N PHE A 541 12.44 27.81 -10.51
CA PHE A 541 13.73 28.33 -10.08
C PHE A 541 14.55 28.80 -11.28
N ARG A 542 14.65 27.96 -12.31
CA ARG A 542 15.42 28.34 -13.48
C ARG A 542 14.80 29.54 -14.16
N TRP A 543 13.47 29.60 -14.21
CA TRP A 543 12.82 30.77 -14.79
C TRP A 543 13.24 32.04 -14.07
N LEU A 544 13.13 32.03 -12.73
CA LEU A 544 13.49 33.22 -11.97
C LEU A 544 14.97 33.57 -12.14
N PHE A 545 15.84 32.57 -12.13
CA PHE A 545 17.27 32.83 -12.24
C PHE A 545 17.61 33.44 -13.58
N ASP A 546 17.16 32.80 -14.67
CA ASP A 546 17.47 33.26 -16.01
C ASP A 546 16.70 34.52 -16.39
N LYS A 547 15.68 34.88 -15.62
CA LYS A 547 15.02 36.18 -15.82
C LYS A 547 15.73 37.28 -15.05
N LYS A 548 16.14 37.00 -13.81
CA LYS A 548 16.84 37.99 -13.02
C LYS A 548 18.17 38.35 -13.64
N PHE A 549 18.88 37.36 -14.19
CA PHE A 549 20.02 37.72 -15.02
C PHE A 549 19.54 38.51 -16.23
N LEU A 550 20.31 39.53 -16.59
CA LEU A 550 19.83 40.61 -17.45
C LEU A 550 19.43 40.15 -18.85
N ALA A 551 18.13 40.20 -19.13
CA ALA A 551 17.57 40.07 -20.48
C ALA A 551 17.93 38.75 -21.16
N GLU A 552 18.33 37.74 -20.39
CA GLU A 552 18.59 36.42 -20.96
C GLU A 552 17.25 35.77 -21.26
N ALA A 553 16.81 35.86 -22.51
CA ALA A 553 15.49 35.36 -22.87
C ALA A 553 15.47 33.84 -22.93
N ALA A 554 16.52 33.24 -23.50
CA ALA A 554 16.54 31.80 -23.69
C ALA A 554 16.61 31.09 -22.34
N ILE A 555 15.68 30.17 -22.11
CA ILE A 555 15.62 29.42 -20.87
C ILE A 555 16.46 28.17 -21.03
N ARG A 556 17.51 28.05 -20.22
CA ARG A 556 18.52 27.00 -20.38
C ARG A 556 17.97 25.69 -19.84
N PHE A 557 17.17 25.02 -20.66
CA PHE A 557 16.58 23.74 -20.28
C PHE A 557 17.58 22.61 -20.12
N GLU A 558 18.82 22.77 -20.60
CA GLU A 558 19.77 21.67 -20.49
C GLU A 558 20.00 21.29 -19.04
N CYS A 559 20.27 22.26 -18.19
CA CYS A 559 20.57 21.99 -16.78
C CYS A 559 19.33 22.22 -15.92
N VAL A 560 18.30 21.42 -16.17
CA VAL A 560 17.07 21.47 -15.39
C VAL A 560 16.76 20.07 -14.89
N PHE A 561 16.57 19.95 -13.58
CA PHE A 561 16.37 18.67 -12.93
C PHE A 561 15.98 18.95 -11.49
N LEU A 562 15.92 17.94 -10.64
CA LEU A 562 15.60 18.19 -9.25
C LEU A 562 16.66 19.09 -8.62
N PRO A 563 16.30 19.91 -7.64
CA PRO A 563 17.33 20.57 -6.83
C PRO A 563 18.18 19.50 -6.15
N ASP A 564 19.48 19.75 -6.12
CA ASP A 564 20.50 18.75 -5.77
C ASP A 564 20.52 17.59 -6.76
N ASN A 565 19.95 17.77 -7.94
CA ASN A 565 20.02 16.79 -9.01
C ASN A 565 19.48 15.43 -8.60
N GLY A 566 18.77 15.38 -7.48
CA GLY A 566 18.11 14.22 -6.93
C GLY A 566 18.95 13.65 -5.82
N ALA A 567 18.73 14.16 -4.61
CA ALA A 567 19.37 13.68 -3.41
C ALA A 567 18.45 13.69 -2.22
N PHE A 568 17.23 14.21 -2.38
CA PHE A 568 16.22 14.09 -1.35
C PHE A 568 15.71 12.67 -1.24
N PHE A 569 16.07 11.81 -2.18
CA PHE A 569 15.65 10.40 -2.16
C PHE A 569 16.75 9.47 -1.69
N VAL A 570 18.00 9.72 -2.07
CA VAL A 570 19.11 9.00 -1.46
C VAL A 570 19.06 9.18 0.05
N ASN A 571 18.86 10.41 0.49
CA ASN A 571 18.63 10.62 1.92
C ASN A 571 17.37 9.91 2.38
N TYR A 572 16.32 9.93 1.58
CA TYR A 572 15.10 9.24 1.99
C TYR A 572 15.31 7.75 2.12
N VAL A 573 15.96 7.12 1.14
CA VAL A 573 16.16 5.67 1.20
C VAL A 573 17.10 5.31 2.34
N ILE A 574 18.12 6.15 2.58
CA ILE A 574 19.04 5.89 3.69
C ILE A 574 18.30 5.96 5.03
N ALA A 575 17.52 7.03 5.21
CA ALA A 575 16.76 7.15 6.45
C ALA A 575 15.78 5.99 6.59
N SER A 576 15.11 5.63 5.50
CA SER A 576 14.25 4.46 5.51
C SER A 576 15.00 3.25 6.03
N ALA A 577 16.06 2.83 5.33
CA ALA A 577 16.84 1.68 5.73
C ALA A 577 17.17 1.72 7.22
N PHE A 578 17.92 2.72 7.64
CA PHE A 578 18.44 2.69 9.00
C PHE A 578 17.33 2.89 10.03
N ILE A 579 16.67 4.04 10.00
CA ILE A 579 15.78 4.45 11.07
C ILE A 579 14.42 3.80 10.84
N GLY A 580 14.35 2.88 9.88
CA GLY A 580 13.12 2.15 9.67
C GLY A 580 13.29 0.70 10.03
N ASN A 581 14.45 0.12 9.74
CA ASN A 581 14.69 -1.23 10.20
C ASN A 581 14.92 -1.24 11.70
N ALA A 582 15.52 -0.18 12.25
CA ALA A 582 15.64 -0.10 13.69
C ALA A 582 14.26 -0.10 14.34
N MET A 583 13.32 0.67 13.78
CA MET A 583 11.98 0.71 14.35
C MET A 583 11.23 -0.59 14.10
N ASP A 584 11.39 -1.18 12.91
CA ASP A 584 10.70 -2.43 12.61
C ASP A 584 11.14 -3.52 13.57
N LEU A 585 12.44 -3.59 13.86
CA LEU A 585 12.92 -4.55 14.86
C LEU A 585 12.36 -4.24 16.23
N LEU A 586 11.92 -3.01 16.47
CA LEU A 586 11.42 -2.59 17.77
C LEU A 586 9.92 -2.79 17.92
N ARG A 587 9.25 -3.36 16.91
CA ARG A 587 7.81 -3.61 16.90
C ARG A 587 6.99 -2.33 17.06
N ILE A 588 7.62 -1.17 16.95
CA ILE A 588 6.89 0.09 17.11
C ILE A 588 5.78 0.27 16.08
N PRO A 589 5.96 -0.07 14.77
CA PRO A 589 4.93 0.25 13.77
C PRO A 589 3.51 -0.21 14.10
N GLY A 590 3.34 -0.98 15.17
CA GLY A 590 2.01 -1.27 15.67
C GLY A 590 1.83 -0.89 17.13
N LEU A 591 2.94 -0.91 17.88
CA LEU A 591 2.84 -0.68 19.32
C LEU A 591 2.53 0.77 19.64
N LEU A 592 3.17 1.71 18.95
CA LEU A 592 2.98 3.12 19.28
C LEU A 592 1.55 3.57 19.01
N MET A 593 0.80 2.83 18.20
CA MET A 593 -0.58 3.19 17.87
C MET A 593 -1.62 2.36 18.60
N TYR A 594 -1.41 1.05 18.78
CA TYR A 594 -2.35 0.26 19.58
C TYR A 594 -1.69 -0.32 20.82
N MET A 595 -0.93 0.51 21.54
CA MET A 595 -0.39 0.08 22.82
C MET A 595 -1.48 -0.01 23.88
N ILE A 596 -2.50 0.84 23.79
CA ILE A 596 -3.60 0.83 24.74
C ILE A 596 -4.57 -0.30 24.41
N GLN A 614 -2.16 -11.70 23.88
CA GLN A 614 -1.52 -10.39 23.90
C GLN A 614 -0.63 -10.20 22.67
N ALA A 615 -0.08 -11.31 22.17
CA ALA A 615 0.71 -11.28 20.96
C ALA A 615 -0.21 -11.31 19.74
N TYR A 616 0.30 -10.78 18.62
CA TYR A 616 -0.52 -10.54 17.44
C TYR A 616 0.08 -11.18 16.20
N GLU A 617 -0.80 -11.49 15.25
CA GLU A 617 -0.40 -11.66 13.86
C GLU A 617 0.20 -10.35 13.36
N PHE A 618 1.12 -10.45 12.40
CA PHE A 618 1.61 -9.26 11.71
C PHE A 618 1.05 -9.25 10.29
N GLN A 619 0.52 -8.12 9.90
CA GLN A 619 -0.17 -8.04 8.62
C GLN A 619 0.82 -8.11 7.47
N PHE A 620 0.52 -8.97 6.49
CA PHE A 620 1.35 -9.06 5.31
C PHE A 620 1.16 -7.89 4.38
N GLY A 621 -0.05 -7.34 4.31
CA GLY A 621 -0.31 -6.25 3.39
C GLY A 621 0.55 -5.03 3.69
N ALA A 622 0.71 -4.70 4.97
CA ALA A 622 1.51 -3.53 5.33
C ALA A 622 2.96 -3.72 4.94
N ALA A 623 3.54 -4.88 5.27
CA ALA A 623 4.94 -5.12 4.94
C ALA A 623 5.15 -5.11 3.44
N TYR A 624 4.25 -5.75 2.68
CA TYR A 624 4.36 -5.74 1.23
C TYR A 624 4.31 -4.31 0.69
N ALA A 625 3.36 -3.51 1.18
CA ALA A 625 3.23 -2.16 0.67
C ALA A 625 4.46 -1.31 1.00
N TRP A 626 4.98 -1.44 2.21
CA TRP A 626 6.13 -0.63 2.62
C TRP A 626 7.39 -1.02 1.83
N MET A 627 7.68 -2.33 1.79
CA MET A 627 8.80 -2.79 1.00
C MET A 627 8.66 -2.41 -0.46
N MET A 628 7.43 -2.41 -0.98
CA MET A 628 7.25 -2.03 -2.36
C MET A 628 7.37 -0.53 -2.60
N CYS A 629 6.98 0.31 -1.64
CA CYS A 629 7.23 1.73 -1.83
C CYS A 629 8.72 2.00 -1.94
N VAL A 630 9.51 1.43 -1.03
CA VAL A 630 10.94 1.68 -1.07
C VAL A 630 11.56 1.12 -2.35
N PHE A 631 11.19 -0.11 -2.71
CA PHE A 631 11.76 -0.69 -3.92
C PHE A 631 11.34 0.09 -5.16
N THR A 632 10.12 0.64 -5.18
CA THR A 632 9.70 1.42 -6.34
C THR A 632 10.51 2.70 -6.45
N VAL A 633 10.76 3.38 -5.33
CA VAL A 633 11.64 4.54 -5.40
C VAL A 633 13.00 4.15 -5.97
N VAL A 634 13.60 3.09 -5.41
CA VAL A 634 14.96 2.72 -5.81
C VAL A 634 15.02 2.34 -7.28
N MET A 635 14.06 1.54 -7.75
CA MET A 635 14.11 1.15 -9.15
C MET A 635 13.67 2.26 -10.09
N THR A 636 12.86 3.21 -9.61
CA THR A 636 12.52 4.36 -10.45
C THR A 636 13.74 5.23 -10.69
N TYR A 637 14.55 5.43 -9.65
CA TYR A 637 15.72 6.29 -9.76
C TYR A 637 17.03 5.50 -9.83
N SER A 638 17.03 4.40 -10.58
CA SER A 638 18.28 3.76 -10.91
C SER A 638 18.96 4.50 -12.06
N ILE A 639 18.27 4.59 -13.21
CA ILE A 639 18.88 5.15 -14.41
C ILE A 639 19.28 6.60 -14.18
N THR A 640 18.36 7.41 -13.67
CA THR A 640 18.57 8.84 -13.56
C THR A 640 19.31 9.23 -12.29
N CYS A 641 19.68 8.29 -11.46
CA CYS A 641 20.51 8.61 -10.31
C CYS A 641 21.16 7.32 -9.83
N PRO A 642 22.18 6.81 -10.54
CA PRO A 642 22.68 5.47 -10.24
C PRO A 642 23.15 5.27 -8.82
N ILE A 643 23.68 6.30 -8.15
CA ILE A 643 24.26 6.09 -6.83
C ILE A 643 23.26 5.55 -5.82
N ILE A 644 21.97 5.53 -6.15
CA ILE A 644 20.97 5.18 -5.15
C ILE A 644 20.84 3.67 -4.98
N VAL A 645 21.15 2.88 -6.00
CA VAL A 645 20.87 1.44 -5.95
C VAL A 645 21.59 0.74 -4.81
N PRO A 646 22.88 0.96 -4.56
CA PRO A 646 23.50 0.30 -3.40
C PRO A 646 22.79 0.59 -2.09
N PHE A 647 22.31 1.81 -1.89
CA PHE A 647 21.61 2.12 -0.65
C PHE A 647 20.31 1.34 -0.54
N GLY A 648 19.57 1.23 -1.63
CA GLY A 648 18.36 0.42 -1.61
C GLY A 648 18.65 -1.06 -1.36
N LEU A 649 19.73 -1.58 -1.95
CA LEU A 649 20.09 -2.97 -1.74
C LEU A 649 20.45 -3.21 -0.27
N MET A 650 21.21 -2.30 0.32
CA MET A 650 21.50 -2.40 1.75
C MET A 650 20.22 -2.37 2.57
N TYR A 651 19.30 -1.47 2.20
CA TYR A 651 18.00 -1.43 2.88
C TYR A 651 17.32 -2.79 2.82
N MET A 652 17.24 -3.37 1.63
CA MET A 652 16.45 -4.58 1.47
C MET A 652 17.10 -5.77 2.15
N LEU A 653 18.44 -5.84 2.16
CA LEU A 653 19.10 -6.89 2.93
C LEU A 653 18.80 -6.75 4.41
N LEU A 654 18.91 -5.54 4.96
CA LEU A 654 18.57 -5.39 6.38
C LEU A 654 17.11 -5.71 6.64
N LYS A 655 16.23 -5.35 5.70
CA LYS A 655 14.82 -5.67 5.86
C LYS A 655 14.61 -7.18 5.85
N HIS A 656 15.34 -7.88 4.99
CA HIS A 656 15.27 -9.33 4.96
C HIS A 656 15.64 -9.93 6.31
N LEU A 657 16.78 -9.51 6.85
CA LEU A 657 17.21 -10.05 8.13
C LEU A 657 16.19 -9.76 9.22
N VAL A 658 15.70 -8.52 9.27
CA VAL A 658 14.80 -8.16 10.36
C VAL A 658 13.46 -8.86 10.21
N ASP A 659 12.95 -8.99 8.97
CA ASP A 659 11.71 -9.74 8.77
C ASP A 659 11.87 -11.18 9.22
N ARG A 660 12.97 -11.83 8.83
CA ARG A 660 13.17 -13.21 9.24
C ARG A 660 13.16 -13.33 10.76
N TYR A 661 13.92 -12.47 11.43
CA TYR A 661 13.98 -12.56 12.89
C TYR A 661 12.62 -12.30 13.53
N ASN A 662 11.99 -11.17 13.17
CA ASN A 662 10.75 -10.78 13.82
C ASN A 662 9.64 -11.81 13.56
N LEU A 663 9.55 -12.28 12.32
CA LEU A 663 8.56 -13.29 11.96
C LEU A 663 8.78 -14.55 12.79
N TYR A 664 10.02 -15.00 12.88
CA TYR A 664 10.28 -16.26 13.55
C TYR A 664 10.08 -16.16 15.06
N TYR A 665 10.80 -15.24 15.70
CA TYR A 665 10.99 -15.30 17.14
C TYR A 665 9.98 -14.51 17.94
N ALA A 666 9.14 -13.70 17.30
CA ALA A 666 8.30 -12.81 18.10
C ALA A 666 6.86 -12.66 17.61
N TYR A 667 6.51 -13.30 16.50
CA TYR A 667 5.14 -13.24 15.99
C TYR A 667 4.52 -14.62 15.84
N LEU A 668 3.26 -14.65 15.37
CA LEU A 668 2.42 -15.84 15.32
C LEU A 668 2.31 -16.36 13.90
N PRO A 669 2.51 -17.66 13.70
CA PRO A 669 2.20 -18.26 12.40
C PRO A 669 0.70 -18.28 12.16
N ALA A 670 0.31 -18.13 10.90
CA ALA A 670 -1.10 -18.17 10.54
C ALA A 670 -1.22 -18.59 9.08
N LYS A 671 -2.41 -18.41 8.50
CA LYS A 671 -2.70 -18.84 7.13
C LYS A 671 -3.35 -17.67 6.41
N LEU A 672 -2.57 -16.94 5.62
CA LEU A 672 -3.07 -15.81 4.86
C LEU A 672 -3.65 -16.25 3.52
N ASP A 673 -4.43 -15.35 2.92
CA ASP A 673 -5.01 -15.60 1.62
C ASP A 673 -3.93 -15.74 0.58
N LYS A 674 -4.20 -16.55 -0.45
CA LYS A 674 -3.21 -16.76 -1.49
C LYS A 674 -3.07 -15.53 -2.37
N LYS A 675 -4.17 -14.82 -2.61
CA LYS A 675 -4.16 -13.76 -3.61
C LYS A 675 -3.28 -12.58 -3.25
N ILE A 676 -2.84 -12.47 -1.99
CA ILE A 676 -1.96 -11.37 -1.63
C ILE A 676 -0.64 -11.44 -2.38
N HIS A 677 0.01 -12.62 -2.41
CA HIS A 677 1.26 -12.75 -3.12
C HIS A 677 1.13 -12.45 -4.61
N SER A 678 -0.04 -12.74 -5.18
CA SER A 678 -0.32 -12.26 -6.53
C SER A 678 -0.26 -10.74 -6.58
N GLY A 679 -0.77 -10.08 -5.55
CA GLY A 679 -0.67 -8.62 -5.50
C GLY A 679 0.76 -8.14 -5.47
N ALA A 680 1.60 -8.82 -4.67
CA ALA A 680 3.01 -8.44 -4.64
C ALA A 680 3.65 -8.60 -6.00
N VAL A 681 3.33 -9.69 -6.70
CA VAL A 681 3.86 -9.88 -8.05
C VAL A 681 3.44 -8.75 -8.98
N ASN A 682 2.16 -8.38 -8.91
CA ASN A 682 1.67 -7.30 -9.77
C ASN A 682 2.41 -6.01 -9.47
N GLN A 683 2.63 -5.72 -8.19
CA GLN A 683 3.30 -4.49 -7.81
C GLN A 683 4.73 -4.46 -8.33
N VAL A 684 5.43 -5.60 -8.23
CA VAL A 684 6.80 -5.64 -8.72
C VAL A 684 6.85 -5.40 -10.22
N VAL A 685 5.91 -6.00 -10.96
CA VAL A 685 5.88 -5.69 -12.39
C VAL A 685 5.59 -4.21 -12.60
N ALA A 686 4.82 -3.60 -11.69
CA ALA A 686 4.45 -2.20 -11.83
C ALA A 686 5.66 -1.26 -11.71
N ALA A 687 6.55 -1.53 -10.77
CA ALA A 687 7.57 -0.52 -10.47
C ALA A 687 8.44 -0.12 -11.66
N PRO A 688 9.03 -1.05 -12.42
CA PRO A 688 9.81 -0.63 -13.59
C PRO A 688 8.99 0.13 -14.62
N ILE A 689 7.68 -0.02 -14.60
CA ILE A 689 6.85 0.77 -15.50
C ILE A 689 7.00 2.23 -15.10
N LEU A 690 6.94 2.48 -13.79
CA LEU A 690 7.11 3.85 -13.29
C LEU A 690 8.51 4.35 -13.62
N CYS A 691 9.50 3.46 -13.59
CA CYS A 691 10.84 3.91 -13.96
C CYS A 691 10.84 4.43 -15.40
N LEU A 692 10.23 3.69 -16.31
CA LEU A 692 10.16 4.11 -17.70
C LEU A 692 9.41 5.43 -17.81
N PHE A 693 8.30 5.57 -17.08
CA PHE A 693 7.49 6.77 -17.20
C PHE A 693 8.27 7.99 -16.74
N TRP A 694 9.00 7.90 -15.63
CA TRP A 694 9.73 9.09 -15.23
C TRP A 694 10.98 9.34 -16.04
N LEU A 695 11.60 8.31 -16.62
CA LEU A 695 12.66 8.60 -17.57
C LEU A 695 12.09 9.37 -18.75
N LEU A 696 10.91 8.96 -19.23
CA LEU A 696 10.23 9.73 -20.27
C LEU A 696 9.96 11.16 -19.82
N PHE A 697 9.47 11.32 -18.59
CA PHE A 697 9.09 12.64 -18.11
C PHE A 697 10.29 13.57 -18.07
N PHE A 698 11.40 13.09 -17.52
CA PHE A 698 12.57 13.96 -17.41
C PHE A 698 13.22 14.20 -18.76
N SER A 699 13.17 13.23 -19.67
CA SER A 699 13.63 13.50 -21.03
C SER A 699 12.78 14.58 -21.68
N THR A 700 11.46 14.55 -21.46
CA THR A 700 10.60 15.59 -22.01
C THR A 700 10.89 16.94 -21.40
N MET A 701 11.07 16.99 -20.08
CA MET A 701 11.27 18.25 -19.39
C MET A 701 12.66 18.81 -19.64
N ARG A 702 13.61 17.99 -20.10
CA ARG A 702 14.95 18.46 -20.40
C ARG A 702 15.14 18.81 -21.87
N THR A 703 14.80 17.90 -22.78
CA THR A 703 15.22 18.03 -24.17
C THR A 703 14.03 18.03 -25.13
N GLY A 704 12.88 18.51 -24.68
CA GLY A 704 11.73 18.62 -25.57
C GLY A 704 11.07 17.29 -25.89
N PHE A 705 9.78 17.32 -26.24
CA PHE A 705 9.04 16.09 -26.44
C PHE A 705 9.47 15.40 -27.73
N LEU A 706 9.61 16.17 -28.81
CA LEU A 706 9.84 15.62 -30.14
C LEU A 706 11.16 14.89 -30.27
N ALA A 707 12.08 15.05 -29.32
CA ALA A 707 13.41 14.49 -29.45
C ALA A 707 13.35 12.97 -29.62
N PRO A 708 14.28 12.40 -30.39
CA PRO A 708 14.19 10.96 -30.70
C PRO A 708 14.20 10.06 -29.47
N THR A 709 15.00 10.41 -28.45
CA THR A 709 15.02 9.59 -27.25
C THR A 709 13.67 9.61 -26.55
N SER A 710 13.04 10.77 -26.47
CA SER A 710 11.72 10.86 -25.89
C SER A 710 10.71 10.05 -26.70
N MET A 711 10.77 10.13 -28.04
CA MET A 711 9.91 9.30 -28.88
C MET A 711 10.08 7.81 -28.58
N PHE A 712 11.32 7.35 -28.50
CA PHE A 712 11.53 5.91 -28.38
C PHE A 712 11.15 5.44 -26.99
N THR A 713 11.43 6.26 -25.96
CA THR A 713 10.95 5.93 -24.63
C THR A 713 9.43 5.89 -24.58
N PHE A 714 8.77 6.86 -25.25
CA PHE A 714 7.33 6.90 -25.24
C PHE A 714 6.72 5.69 -25.93
N VAL A 715 7.29 5.28 -27.07
CA VAL A 715 6.73 4.13 -27.76
C VAL A 715 6.98 2.86 -26.96
N VAL A 716 8.13 2.77 -26.27
CA VAL A 716 8.36 1.63 -25.39
C VAL A 716 7.30 1.60 -24.29
N LEU A 717 7.00 2.75 -23.69
CA LEU A 717 6.00 2.79 -22.64
C LEU A 717 4.63 2.40 -23.17
N VAL A 718 4.28 2.87 -24.37
CA VAL A 718 2.97 2.54 -24.93
C VAL A 718 2.87 1.04 -25.21
N ILE A 719 3.93 0.46 -25.79
CA ILE A 719 3.93 -0.98 -26.00
C ILE A 719 3.77 -1.71 -24.68
N THR A 720 4.47 -1.25 -23.64
CA THR A 720 4.38 -1.92 -22.35
C THR A 720 2.98 -1.83 -21.76
N ILE A 721 2.36 -0.66 -21.83
CA ILE A 721 1.04 -0.53 -21.21
C ILE A 721 0.00 -1.33 -22.00
N VAL A 722 0.11 -1.34 -23.34
CA VAL A 722 -0.87 -2.09 -24.12
C VAL A 722 -0.70 -3.59 -23.87
N ILE A 723 0.54 -4.06 -23.74
CA ILE A 723 0.72 -5.48 -23.45
C ILE A 723 0.29 -5.81 -22.03
N CYS A 724 0.43 -4.87 -21.09
CA CYS A 724 -0.03 -5.12 -19.73
C CYS A 724 -1.55 -5.22 -19.67
N LEU A 725 -2.25 -4.31 -20.36
CA LEU A 725 -3.70 -4.38 -20.43
C LEU A 725 -4.19 -5.44 -21.40
N CYS A 726 -3.30 -6.05 -22.18
CA CYS A 726 -3.69 -7.15 -23.05
C CYS A 726 -3.92 -8.44 -22.26
N HIS A 727 -3.32 -8.56 -21.08
CA HIS A 727 -3.45 -9.77 -20.30
C HIS A 727 -4.85 -9.98 -19.74
N VAL A 728 -5.56 -8.90 -19.38
CA VAL A 728 -6.87 -9.07 -18.76
C VAL A 728 -7.84 -9.72 -19.73
N CYS A 729 -7.73 -9.43 -21.03
CA CYS A 729 -8.60 -10.01 -22.04
C CYS A 729 -7.98 -11.25 -22.67
N PHE A 730 -6.77 -11.14 -23.21
CA PHE A 730 -6.11 -12.24 -23.88
C PHE A 730 -4.96 -12.77 -23.03
N GLY A 731 -4.75 -14.09 -23.12
CA GLY A 731 -3.62 -14.70 -22.44
C GLY A 731 -2.40 -14.75 -23.34
N HIS A 732 -1.43 -13.90 -23.08
CA HIS A 732 -0.26 -13.77 -23.93
C HIS A 732 0.94 -14.56 -23.42
N PHE A 733 0.75 -15.41 -22.41
CA PHE A 733 1.72 -16.36 -21.89
C PHE A 733 3.08 -15.73 -21.61
N LYS A 734 3.15 -14.40 -21.57
CA LYS A 734 4.39 -13.69 -21.30
C LYS A 734 4.36 -12.89 -20.00
N TYR A 735 3.24 -12.24 -19.70
CA TYR A 735 3.11 -11.49 -18.45
C TYR A 735 3.27 -12.45 -17.30
N LEU A 736 3.65 -11.92 -16.13
CA LEU A 736 3.94 -12.77 -14.98
C LEU A 736 2.64 -13.08 -14.25
N SER A 737 2.44 -14.37 -13.99
CA SER A 737 1.21 -14.89 -13.40
C SER A 737 0.80 -14.10 -12.17
N ALA A 738 -0.35 -13.46 -12.23
CA ALA A 738 -0.87 -12.61 -11.16
C ALA A 738 -2.32 -12.31 -11.49
N HIS A 739 -2.90 -11.33 -10.79
CA HIS A 739 -4.26 -10.89 -11.05
C HIS A 739 -4.41 -10.35 -12.47
#